data_7BYE
#
_entry.id   7BYE
#
_cell.length_a   41.558
_cell.length_b   45.501
_cell.length_c   69.952
_cell.angle_alpha   102.060
_cell.angle_beta   93.600
_cell.angle_gamma   116.360
#
_symmetry.space_group_name_H-M   'P 1'
#
loop_
_entity.id
_entity.type
_entity.pdbx_description
1 polymer 'Antitoxin MazE'
2 polymer 'Uncharacterized protein'
3 non-polymer 'PHOSPHATE ION'
4 water water
#
loop_
_entity_poly.entity_id
_entity_poly.type
_entity_poly.pdbx_seq_one_letter_code
_entity_poly.pdbx_strand_id
1 'polypeptide(L)' KAGPTLEELLGQCTAENRHHEYLCDSQGKEML A,D
2 'polypeptide(L)'
;MTTYCPARGDVILLDFNPQSGHEQAGKRPALVVSDDLFNQVTGFAVVCPITNQIKGYPFEVPVDGTTKTTGVILADQVKS
LDWKARAARTVDSVSGETVTTVVDMVSKIIKA
;
B,C,E,F
#
# COMPACT_ATOMS: atom_id res chain seq x y z
N PRO A 4 12.43 -19.03 7.11
CA PRO A 4 12.44 -19.81 8.35
C PRO A 4 11.94 -19.03 9.56
N THR A 5 11.90 -19.73 10.68
CA THR A 5 11.41 -19.22 11.96
C THR A 5 12.35 -18.16 12.56
N LEU A 6 11.80 -17.21 13.32
CA LEU A 6 12.62 -16.19 13.98
C LEU A 6 13.68 -16.82 14.88
N GLU A 7 13.30 -17.85 15.63
CA GLU A 7 14.26 -18.61 16.42
C GLU A 7 15.37 -19.20 15.57
N GLU A 8 15.00 -19.77 14.44
CA GLU A 8 15.97 -20.39 13.53
C GLU A 8 16.89 -19.34 12.95
N LEU A 9 16.33 -18.19 12.60
CA LEU A 9 17.13 -17.07 12.10
C LEU A 9 18.10 -16.60 13.17
N LEU A 10 17.58 -16.31 14.36
CA LEU A 10 18.39 -15.78 15.45
C LEU A 10 19.50 -16.74 15.87
N GLY A 11 19.26 -18.04 15.69
CA GLY A 11 20.22 -19.06 16.08
C GLY A 11 21.53 -18.98 15.33
N GLN A 12 21.50 -18.41 14.13
CA GLN A 12 22.70 -18.28 13.33
C GLN A 12 23.43 -16.93 13.46
N CYS A 13 22.96 -16.07 14.36
CA CYS A 13 23.70 -14.84 14.66
C CYS A 13 24.95 -15.19 15.47
N THR A 14 26.09 -14.62 15.09
CA THR A 14 27.33 -14.83 15.83
C THR A 14 28.07 -13.52 16.06
N ALA A 15 29.25 -13.63 16.67
CA ALA A 15 30.10 -12.46 16.90
C ALA A 15 30.75 -12.03 15.60
N GLU A 16 31.07 -13.01 14.75
CA GLU A 16 31.67 -12.74 13.46
C GLU A 16 30.63 -12.27 12.44
N ASN A 17 29.37 -12.63 12.67
CA ASN A 17 28.29 -12.39 11.73
C ASN A 17 27.75 -10.96 11.66
N ARG A 18 27.75 -10.28 12.81
CA ARG A 18 26.90 -9.11 13.00
C ARG A 18 27.37 -7.87 12.25
N HIS A 19 26.42 -6.95 12.00
CA HIS A 19 26.71 -5.69 11.32
C HIS A 19 26.57 -4.51 12.25
N HIS A 20 27.38 -3.47 12.03
CA HIS A 20 27.15 -2.21 12.73
C HIS A 20 25.86 -1.61 12.21
N GLU A 21 25.25 -0.71 12.98
CA GLU A 21 24.00 -0.09 12.55
C GLU A 21 24.28 0.96 11.49
N TYR A 22 23.69 0.77 10.31
CA TYR A 22 23.75 1.75 9.23
C TYR A 22 22.72 2.85 9.46
N LEU A 23 22.99 4.03 8.91
CA LEU A 23 22.05 5.16 8.98
C LEU A 23 21.55 5.42 10.40
N CYS A 24 22.48 5.53 11.34
CA CYS A 24 22.10 5.67 12.74
C CYS A 24 21.75 7.11 13.13
N ASP A 25 21.93 8.04 12.19
CA ASP A 25 21.61 9.46 12.42
C ASP A 25 20.09 9.72 12.36
N SER A 26 19.69 10.87 12.92
CA SER A 26 18.30 11.33 12.89
C SER A 26 18.18 12.62 12.09
N GLN A 27 17.35 12.62 11.05
CA GLN A 27 17.25 13.80 10.18
C GLN A 27 15.82 14.32 10.05
N GLY A 28 15.66 15.64 9.91
CA GLY A 28 14.37 16.26 9.64
C GLY A 28 13.25 15.91 10.60
N LYS A 29 12.20 15.35 10.09
CA LYS A 29 11.12 14.85 10.87
C LYS A 29 11.34 13.65 11.81
N GLU A 30 12.44 12.97 11.70
CA GLU A 30 12.60 11.78 12.48
C GLU A 30 12.59 12.06 14.01
N MET A 31 11.85 11.28 14.73
CA MET A 31 11.67 11.46 16.13
C MET A 31 12.80 10.81 16.88
N LEU A 32 13.21 9.65 16.43
CA LEU A 32 14.20 8.89 17.14
C LEU A 32 15.50 8.98 16.42
N TYR B 4 8.64 13.79 -7.42
CA TYR B 4 9.27 12.53 -7.03
C TYR B 4 8.81 12.05 -5.68
N CYS B 5 8.50 10.76 -5.60
CA CYS B 5 8.29 10.10 -4.32
C CYS B 5 8.79 8.66 -4.43
N PRO B 6 9.46 8.15 -3.37
CA PRO B 6 9.98 6.78 -3.41
C PRO B 6 8.88 5.75 -3.58
N ALA B 7 9.15 4.72 -4.39
CA ALA B 7 8.19 3.65 -4.59
C ALA B 7 8.67 2.41 -3.87
N ARG B 8 7.73 1.62 -3.38
CA ARG B 8 8.06 0.31 -2.81
C ARG B 8 8.82 -0.50 -3.84
N GLY B 9 9.94 -1.08 -3.42
CA GLY B 9 10.75 -1.89 -4.30
C GLY B 9 11.90 -1.12 -4.92
N ASP B 10 11.89 0.21 -4.73
CA ASP B 10 12.99 1.04 -5.21
C ASP B 10 14.25 0.87 -4.37
N VAL B 11 15.40 0.96 -5.04
CA VAL B 11 16.65 1.20 -4.33
C VAL B 11 16.88 2.70 -4.37
N ILE B 12 17.03 3.32 -3.21
CA ILE B 12 17.26 4.74 -3.16
C ILE B 12 18.59 5.06 -2.50
N LEU B 13 19.14 6.22 -2.83
CA LEU B 13 20.30 6.74 -2.10
C LEU B 13 19.81 7.79 -1.10
N LEU B 14 20.22 7.63 0.15
CA LEU B 14 19.83 8.56 1.21
C LEU B 14 21.03 9.25 1.79
N ASP B 15 20.90 10.55 2.08
CA ASP B 15 21.92 11.26 2.82
C ASP B 15 22.10 10.63 4.20
N PHE B 16 23.34 10.27 4.50
CA PHE B 16 23.74 9.91 5.85
C PHE B 16 24.62 11.04 6.33
N ASN B 17 24.11 11.81 7.29
CA ASN B 17 24.75 13.06 7.66
C ASN B 17 24.87 13.20 9.17
N PRO B 18 25.70 12.35 9.79
CA PRO B 18 25.89 12.45 11.23
C PRO B 18 26.65 13.74 11.56
N GLN B 19 26.38 14.30 12.72
CA GLN B 19 27.10 15.52 13.10
C GLN B 19 28.36 15.16 13.86
N SER B 20 28.60 13.85 13.97
CA SER B 20 29.66 13.31 14.80
C SER B 20 29.95 11.86 14.43
N GLY B 21 30.76 11.19 15.25
CA GLY B 21 31.05 9.79 15.02
C GLY B 21 32.14 9.55 14.00
N HIS B 22 32.64 8.32 13.94
CA HIS B 22 33.75 7.96 13.07
C HIS B 22 33.31 7.70 11.63
N GLU B 23 32.03 7.42 11.43
CA GLU B 23 31.50 7.07 10.11
C GLU B 23 31.36 8.29 9.21
N GLN B 24 31.93 8.21 8.02
CA GLN B 24 31.94 9.32 7.08
C GLN B 24 30.54 9.62 6.52
N ALA B 25 30.23 10.90 6.40
CA ALA B 25 28.96 11.35 5.82
C ALA B 25 28.95 11.06 4.33
N GLY B 26 27.76 10.87 3.77
CA GLY B 26 27.63 10.56 2.36
C GLY B 26 26.28 9.95 2.05
N LYS B 27 26.13 9.43 0.84
CA LYS B 27 24.86 8.80 0.49
C LYS B 27 24.93 7.29 0.70
N ARG B 28 23.86 6.71 1.17
CA ARG B 28 23.78 5.30 1.42
C ARG B 28 22.62 4.67 0.66
N PRO B 29 22.85 3.50 0.12
CA PRO B 29 21.78 2.81 -0.59
C PRO B 29 20.84 2.10 0.38
N ALA B 30 19.55 2.06 0.06
CA ALA B 30 18.59 1.35 0.88
C ALA B 30 17.39 0.92 0.04
N LEU B 31 16.74 -0.15 0.47
CA LEU B 31 15.54 -0.67 -0.18
C LEU B 31 14.28 -0.12 0.48
N VAL B 32 13.35 0.40 -0.34
CA VAL B 32 12.06 0.88 0.15
C VAL B 32 11.07 -0.28 0.24
N VAL B 33 10.63 -0.60 1.45
CA VAL B 33 9.60 -1.62 1.62
C VAL B 33 8.20 -1.07 1.93
N SER B 34 8.08 0.24 2.13
CA SER B 34 6.77 0.85 2.42
C SER B 34 5.97 1.19 1.16
N ASP B 35 4.65 1.14 1.30
CA ASP B 35 3.67 1.48 0.26
C ASP B 35 3.90 2.88 -0.33
N ASP B 36 3.69 3.00 -1.64
CA ASP B 36 3.83 4.27 -2.36
C ASP B 36 3.03 5.39 -1.72
N LEU B 37 1.76 5.11 -1.41
CA LEU B 37 0.84 6.09 -0.84
C LEU B 37 1.28 6.54 0.56
N PHE B 38 1.78 5.60 1.35
CA PHE B 38 2.37 5.93 2.65
C PHE B 38 3.49 6.95 2.48
N ASN B 39 4.36 6.68 1.51
CA ASN B 39 5.55 7.49 1.29
C ASN B 39 5.21 8.91 0.87
N GLN B 40 4.17 9.05 0.05
CA GLN B 40 3.77 10.37 -0.41
C GLN B 40 3.05 11.16 0.69
N VAL B 41 2.18 10.49 1.42
CA VAL B 41 1.35 11.18 2.40
C VAL B 41 2.10 11.53 3.68
N THR B 42 2.92 10.61 4.17
CA THR B 42 3.66 10.87 5.42
C THR B 42 4.95 11.66 5.25
N GLY B 43 5.53 11.66 4.05
CA GLY B 43 6.86 12.20 3.87
C GLY B 43 7.94 11.34 4.53
N PHE B 44 7.58 10.10 4.86
CA PHE B 44 8.49 9.12 5.42
C PHE B 44 8.59 7.94 4.48
N ALA B 45 9.67 7.17 4.60
CA ALA B 45 9.80 5.93 3.87
C ALA B 45 10.42 4.89 4.79
N VAL B 46 9.79 3.72 4.86
CA VAL B 46 10.34 2.62 5.64
C VAL B 46 11.38 1.92 4.78
N VAL B 47 12.62 1.88 5.23
CA VAL B 47 13.71 1.31 4.43
C VAL B 47 14.62 0.36 5.18
N CYS B 48 15.21 -0.55 4.42
CA CYS B 48 16.26 -1.44 4.92
C CYS B 48 17.58 -1.14 4.24
N PRO B 49 18.64 -0.87 5.03
CA PRO B 49 19.97 -0.54 4.50
C PRO B 49 20.51 -1.62 3.57
N ILE B 50 21.28 -1.21 2.57
CA ILE B 50 21.91 -2.13 1.64
C ILE B 50 23.42 -2.00 1.80
N THR B 51 24.10 -3.14 1.85
CA THR B 51 25.52 -3.17 2.02
C THR B 51 26.23 -4.19 1.14
N ASN B 52 27.46 -3.91 0.76
CA ASN B 52 28.23 -4.88 0.02
C ASN B 52 29.09 -5.77 0.92
N GLN B 53 28.93 -5.62 2.24
CA GLN B 53 29.63 -6.47 3.17
C GLN B 53 28.77 -7.69 3.44
N ILE B 54 29.21 -8.84 2.94
CA ILE B 54 28.39 -10.04 3.02
C ILE B 54 29.01 -11.02 4.00
N LYS B 55 28.42 -11.10 5.20
CA LYS B 55 28.97 -11.94 6.27
C LYS B 55 28.21 -13.25 6.49
N GLY B 56 27.11 -13.45 5.76
CA GLY B 56 26.26 -14.60 6.01
C GLY B 56 25.36 -14.40 7.21
N TYR B 57 25.30 -13.16 7.69
CA TYR B 57 24.37 -12.77 8.77
C TYR B 57 22.95 -13.16 8.38
N PRO B 58 22.21 -13.79 9.32
CA PRO B 58 20.89 -14.38 9.06
C PRO B 58 19.86 -13.44 8.44
N PHE B 59 19.92 -12.15 8.76
CA PHE B 59 18.96 -11.19 8.23
C PHE B 59 19.43 -10.51 6.95
N GLU B 60 20.58 -10.93 6.43
CA GLU B 60 21.01 -10.44 5.12
C GLU B 60 20.11 -11.02 4.03
N VAL B 61 19.53 -10.15 3.20
CA VAL B 61 18.76 -10.61 2.06
C VAL B 61 19.44 -10.18 0.76
N PRO B 62 19.85 -11.18 -0.05
CA PRO B 62 20.60 -10.87 -1.27
C PRO B 62 19.76 -9.99 -2.19
N VAL B 63 20.38 -8.95 -2.73
CA VAL B 63 19.71 -8.06 -3.65
C VAL B 63 19.54 -8.76 -5.00
N ASP B 64 18.31 -8.84 -5.51
CA ASP B 64 18.08 -9.53 -6.77
C ASP B 64 17.10 -8.81 -7.70
N GLY B 65 17.34 -8.90 -9.00
CA GLY B 65 16.47 -8.32 -9.99
C GLY B 65 16.81 -6.89 -10.33
N THR B 66 18.03 -6.48 -9.99
CA THR B 66 18.43 -5.09 -10.22
C THR B 66 19.18 -4.89 -11.54
N THR B 67 19.48 -3.64 -11.84
CA THR B 67 20.29 -3.32 -13.00
C THR B 67 21.75 -3.15 -12.58
N LYS B 68 22.06 -2.11 -11.81
CA LYS B 68 23.42 -1.90 -11.31
C LYS B 68 23.71 -2.26 -9.84
N THR B 69 22.71 -2.67 -9.05
CA THR B 69 22.93 -2.77 -7.61
C THR B 69 23.23 -4.19 -7.12
N THR B 70 24.23 -4.29 -6.25
CA THR B 70 24.67 -5.57 -5.69
C THR B 70 24.61 -5.56 -4.16
N GLY B 71 25.05 -6.63 -3.53
CA GLY B 71 25.16 -6.69 -2.09
C GLY B 71 23.97 -7.32 -1.38
N VAL B 72 23.83 -7.06 -0.09
CA VAL B 72 22.73 -7.62 0.67
C VAL B 72 21.92 -6.54 1.37
N ILE B 73 20.64 -6.83 1.57
CA ILE B 73 19.78 -5.97 2.34
C ILE B 73 19.80 -6.42 3.81
N LEU B 74 19.88 -5.47 4.73
CA LEU B 74 19.86 -5.84 6.14
C LEU B 74 18.46 -5.61 6.69
N ALA B 75 17.73 -6.71 6.87
CA ALA B 75 16.30 -6.63 7.10
C ALA B 75 15.98 -6.24 8.54
N ASP B 76 16.85 -6.58 9.47
CA ASP B 76 16.60 -6.27 10.89
C ASP B 76 16.94 -4.82 11.24
N GLN B 77 17.53 -4.11 10.28
CA GLN B 77 17.86 -2.69 10.43
C GLN B 77 16.78 -1.78 9.86
N VAL B 78 15.60 -2.36 9.60
CA VAL B 78 14.47 -1.61 9.06
C VAL B 78 14.21 -0.28 9.81
N LYS B 79 14.09 0.80 9.04
CA LYS B 79 13.90 2.15 9.60
C LYS B 79 12.98 3.02 8.75
N SER B 80 12.10 3.77 9.40
CA SER B 80 11.30 4.77 8.72
C SER B 80 12.08 6.08 8.67
N LEU B 81 12.42 6.52 7.48
CA LEU B 81 13.31 7.67 7.36
C LEU B 81 12.66 8.80 6.56
N ASP B 82 13.15 10.01 6.78
CA ASP B 82 12.56 11.18 6.13
C ASP B 82 13.27 11.32 4.80
N TRP B 83 12.57 11.00 3.72
CA TRP B 83 13.22 10.91 2.43
C TRP B 83 13.36 12.30 1.80
N LYS B 84 12.64 13.27 2.34
CA LYS B 84 12.78 14.65 1.91
C LYS B 84 14.07 15.26 2.48
N ALA B 85 14.14 15.33 3.81
CA ALA B 85 15.31 15.85 4.49
C ALA B 85 16.60 15.16 4.04
N ARG B 86 16.51 13.86 3.73
CA ARG B 86 17.68 13.09 3.33
C ARG B 86 17.88 13.04 1.81
N ALA B 87 17.04 13.79 1.08
CA ALA B 87 17.20 13.95 -0.37
C ALA B 87 17.27 12.62 -1.13
N ALA B 88 16.25 11.78 -0.93
CA ALA B 88 16.21 10.47 -1.55
C ALA B 88 16.17 10.53 -3.08
N ARG B 89 16.93 9.66 -3.72
CA ARG B 89 16.92 9.52 -5.17
C ARG B 89 16.79 8.06 -5.55
N THR B 90 15.83 7.72 -6.42
CA THR B 90 15.68 6.35 -6.87
C THR B 90 16.69 6.04 -7.97
N VAL B 91 17.63 5.14 -7.68
CA VAL B 91 18.62 4.74 -8.67
C VAL B 91 18.44 3.33 -9.25
N ASP B 92 17.50 2.56 -8.71
CA ASP B 92 17.36 1.15 -9.08
C ASP B 92 16.10 0.58 -8.47
N SER B 93 15.88 -0.71 -8.69
CA SER B 93 14.78 -1.41 -8.03
C SER B 93 15.08 -2.91 -7.99
N VAL B 94 14.42 -3.62 -7.09
CA VAL B 94 14.68 -5.04 -6.94
C VAL B 94 13.46 -5.84 -7.38
N SER B 95 13.58 -7.17 -7.34
CA SER B 95 12.48 -8.04 -7.70
C SER B 95 11.40 -8.01 -6.62
N GLY B 96 10.18 -8.41 -6.99
CA GLY B 96 9.09 -8.50 -6.06
C GLY B 96 9.38 -9.46 -4.92
N GLU B 97 10.01 -10.59 -5.22
CA GLU B 97 10.28 -11.59 -4.20
C GLU B 97 11.40 -11.16 -3.26
N THR B 98 12.23 -10.22 -3.70
CA THR B 98 13.25 -9.61 -2.85
C THR B 98 12.59 -8.81 -1.73
N VAL B 99 11.63 -7.97 -2.11
CA VAL B 99 10.85 -7.19 -1.14
C VAL B 99 10.07 -8.10 -0.21
N THR B 100 9.42 -9.10 -0.78
CA THR B 100 8.61 -10.04 -0.02
C THR B 100 9.45 -10.76 1.04
N THR B 101 10.67 -11.13 0.67
CA THR B 101 11.56 -11.80 1.61
C THR B 101 11.93 -10.89 2.78
N VAL B 102 12.30 -9.65 2.46
CA VAL B 102 12.66 -8.67 3.48
C VAL B 102 11.48 -8.38 4.44
N VAL B 103 10.30 -8.15 3.86
CA VAL B 103 9.12 -7.83 4.65
C VAL B 103 8.73 -9.01 5.55
N ASP B 104 8.86 -10.21 5.01
CA ASP B 104 8.65 -11.44 5.77
C ASP B 104 9.54 -11.49 7.02
N MET B 105 10.80 -11.14 6.85
CA MET B 105 11.74 -11.11 7.96
C MET B 105 11.32 -10.09 9.01
N VAL B 106 10.95 -8.90 8.56
CA VAL B 106 10.54 -7.84 9.47
C VAL B 106 9.30 -8.27 10.28
N SER B 107 8.29 -8.79 9.59
CA SER B 107 7.06 -9.19 10.27
C SER B 107 7.36 -10.32 11.26
N LYS B 108 8.30 -11.19 10.92
CA LYS B 108 8.74 -12.20 11.87
C LYS B 108 9.38 -11.55 13.11
N ILE B 109 10.16 -10.50 12.88
CA ILE B 109 10.84 -9.82 13.98
C ILE B 109 9.85 -9.15 14.92
N ILE B 110 8.81 -8.54 14.38
CA ILE B 110 7.82 -7.82 15.20
C ILE B 110 6.59 -8.66 15.54
N LYS B 111 6.62 -9.94 15.21
CA LYS B 111 5.61 -10.86 15.70
C LYS B 111 6.24 -12.10 16.33
N TYR C 4 20.00 -6.40 31.74
CA TYR C 4 18.78 -5.78 31.21
C TYR C 4 18.64 -5.96 29.71
N CYS C 5 17.42 -6.20 29.27
CA CYS C 5 17.09 -6.20 27.84
C CYS C 5 15.68 -5.67 27.63
N PRO C 6 15.45 -4.89 26.55
CA PRO C 6 14.08 -4.46 26.27
C PRO C 6 13.17 -5.64 25.92
N ALA C 7 11.92 -5.55 26.36
CA ALA C 7 10.94 -6.60 26.07
C ALA C 7 9.87 -6.04 25.16
N ARG C 8 9.21 -6.91 24.42
CA ARG C 8 8.08 -6.50 23.61
C ARG C 8 6.96 -5.97 24.52
N GLY C 9 6.43 -4.80 24.19
CA GLY C 9 5.39 -4.19 24.98
C GLY C 9 5.91 -3.11 25.91
N ASP C 10 7.23 -3.12 26.15
CA ASP C 10 7.87 -2.12 26.99
C ASP C 10 7.75 -0.71 26.43
N VAL C 11 7.51 0.23 27.33
CA VAL C 11 7.74 1.64 27.06
C VAL C 11 9.14 1.95 27.57
N ILE C 12 10.04 2.33 26.67
CA ILE C 12 11.40 2.61 27.07
C ILE C 12 11.74 4.07 26.78
N LEU C 13 12.70 4.60 27.53
CA LEU C 13 13.21 5.93 27.26
C LEU C 13 14.51 5.81 26.48
N LEU C 14 14.65 6.60 25.42
CA LEU C 14 15.83 6.54 24.55
C LEU C 14 16.48 7.92 24.41
N ASP C 15 17.81 7.92 24.29
CA ASP C 15 18.52 9.17 24.05
C ASP C 15 18.19 9.71 22.67
N PHE C 16 18.01 11.03 22.58
CA PHE C 16 17.81 11.68 21.28
C PHE C 16 18.98 12.65 20.95
N ASN C 17 18.80 13.34 19.83
CA ASN C 17 19.76 13.71 18.81
C ASN C 17 19.33 15.12 18.35
N PRO C 18 19.93 15.67 17.27
CA PRO C 18 19.38 16.96 16.83
C PRO C 18 17.88 16.93 16.53
N LYS C 27 15.94 12.64 26.40
CA LYS C 27 15.39 11.29 26.48
C LYS C 27 13.91 11.28 26.09
N ARG C 28 13.48 10.24 25.39
CA ARG C 28 12.24 10.17 24.65
C ARG C 28 11.55 8.81 24.78
N PRO C 29 10.22 8.73 25.00
CA PRO C 29 9.51 7.45 25.13
C PRO C 29 9.28 6.74 23.79
N ALA C 30 9.33 5.41 23.82
CA ALA C 30 9.09 4.61 22.64
C ALA C 30 8.54 3.25 23.03
N LEU C 31 7.72 2.68 22.15
CA LEU C 31 7.20 1.33 22.38
C LEU C 31 8.02 0.29 21.63
N VAL C 32 8.43 -0.76 22.32
CA VAL C 32 9.17 -1.86 21.70
C VAL C 32 8.21 -2.86 21.08
N VAL C 33 8.26 -3.01 19.76
CA VAL C 33 7.44 -4.03 19.09
C VAL C 33 8.21 -5.30 18.66
N SER C 34 9.52 -5.29 18.81
CA SER C 34 10.34 -6.42 18.38
C SER C 34 10.40 -7.50 19.47
N ASP C 35 10.50 -8.75 19.04
CA ASP C 35 10.56 -9.90 19.93
C ASP C 35 11.70 -9.82 20.94
N ASP C 36 11.44 -10.33 22.15
CA ASP C 36 12.39 -10.33 23.26
C ASP C 36 13.76 -10.91 22.89
N LEU C 37 13.75 -12.08 22.26
CA LEU C 37 15.00 -12.77 21.94
C LEU C 37 15.74 -12.01 20.86
N PHE C 38 14.99 -11.35 19.99
CA PHE C 38 15.58 -10.54 18.94
C PHE C 38 16.34 -9.39 19.56
N ASN C 39 15.74 -8.73 20.54
CA ASN C 39 16.37 -7.60 21.21
C ASN C 39 17.65 -8.03 21.92
N GLN C 40 17.62 -9.21 22.51
CA GLN C 40 18.77 -9.72 23.25
C GLN C 40 19.89 -10.14 22.30
N VAL C 41 19.55 -10.97 21.33
CA VAL C 41 20.55 -11.54 20.42
C VAL C 41 21.17 -10.50 19.49
N THR C 42 20.36 -9.74 18.77
CA THR C 42 20.89 -8.82 17.76
C THR C 42 21.43 -7.53 18.36
N GLY C 43 20.90 -7.12 19.51
CA GLY C 43 21.29 -5.86 20.09
C GLY C 43 20.47 -4.70 19.53
N PHE C 44 19.57 -5.02 18.61
CA PHE C 44 18.64 -4.04 18.05
C PHE C 44 17.27 -4.15 18.71
N ALA C 45 16.59 -3.02 18.82
CA ALA C 45 15.18 -3.00 19.17
C ALA C 45 14.41 -2.26 18.09
N VAL C 46 13.28 -2.84 17.68
CA VAL C 46 12.40 -2.16 16.73
C VAL C 46 11.34 -1.43 17.54
N VAL C 47 11.34 -0.11 17.47
CA VAL C 47 10.52 0.70 18.36
C VAL C 47 9.72 1.75 17.59
N CYS C 48 8.63 2.21 18.20
CA CYS C 48 7.87 3.32 17.66
C CYS C 48 7.79 4.41 18.71
N PRO C 49 7.95 5.67 18.30
CA PRO C 49 7.94 6.78 19.26
C PRO C 49 6.56 7.10 19.77
N ILE C 50 6.50 7.54 21.01
CA ILE C 50 5.25 7.95 21.63
C ILE C 50 5.23 9.47 21.74
N THR C 51 4.11 10.09 21.41
CA THR C 51 4.02 11.54 21.51
C THR C 51 2.72 12.02 22.15
N ASN C 52 2.80 13.17 22.82
CA ASN C 52 1.64 13.76 23.49
C ASN C 52 0.79 14.59 22.55
N GLN C 53 1.34 14.91 21.39
CA GLN C 53 0.58 15.63 20.37
C GLN C 53 -0.33 14.65 19.65
N ILE C 54 -1.64 14.87 19.71
CA ILE C 54 -2.55 14.04 18.95
C ILE C 54 -3.03 14.85 17.76
N LYS C 55 -2.50 14.49 16.60
CA LYS C 55 -2.78 15.20 15.35
C LYS C 55 -3.85 14.50 14.53
N GLY C 56 -4.29 13.34 14.99
CA GLY C 56 -5.28 12.56 14.27
C GLY C 56 -4.80 11.94 12.97
N TYR C 57 -3.48 11.78 12.82
CA TYR C 57 -2.94 11.07 11.66
C TYR C 57 -3.47 9.64 11.69
N PRO C 58 -3.64 9.01 10.52
CA PRO C 58 -4.21 7.67 10.46
C PRO C 58 -3.30 6.60 11.05
N PHE C 59 -2.01 6.93 11.21
CA PHE C 59 -1.04 5.97 11.73
C PHE C 59 -0.79 6.10 13.23
N GLU C 60 -1.57 6.93 13.90
CA GLU C 60 -1.50 7.08 15.35
C GLU C 60 -2.22 5.96 16.09
N VAL C 61 -1.55 5.36 17.07
CA VAL C 61 -2.20 4.39 17.96
C VAL C 61 -2.21 4.87 19.41
N PRO C 62 -3.41 5.06 19.98
CA PRO C 62 -3.52 5.47 21.38
C PRO C 62 -2.87 4.48 22.32
N VAL C 63 -2.07 5.01 23.24
CA VAL C 63 -1.45 4.24 24.29
C VAL C 63 -2.52 3.70 25.25
N ASP C 64 -2.41 2.45 25.67
CA ASP C 64 -3.37 1.85 26.59
C ASP C 64 -2.72 0.87 27.58
N GLY C 65 -3.34 0.72 28.74
CA GLY C 65 -2.92 -0.23 29.75
C GLY C 65 -1.63 0.13 30.48
N THR C 66 -1.38 1.42 30.68
CA THR C 66 -0.11 1.88 31.23
C THR C 66 -0.24 2.66 32.54
N THR C 67 0.87 2.77 33.25
CA THR C 67 0.92 3.50 34.51
C THR C 67 1.11 5.01 34.29
N LYS C 68 2.32 5.41 33.89
CA LYS C 68 2.67 6.82 33.79
C LYS C 68 2.57 7.42 32.39
N THR C 69 2.32 6.58 31.39
CA THR C 69 2.53 7.02 30.01
C THR C 69 1.23 7.29 29.25
N THR C 70 1.19 8.42 28.56
CA THR C 70 0.02 8.84 27.82
C THR C 70 0.38 9.07 26.35
N GLY C 71 -0.61 9.49 25.56
CA GLY C 71 -0.36 9.92 24.20
C GLY C 71 -0.61 8.88 23.13
N VAL C 72 -0.03 9.10 21.95
CA VAL C 72 -0.18 8.15 20.86
C VAL C 72 1.16 7.57 20.44
N ILE C 73 1.09 6.36 19.89
CA ILE C 73 2.26 5.67 19.35
C ILE C 73 2.27 5.91 17.84
N LEU C 74 3.41 6.29 17.28
CA LEU C 74 3.46 6.60 15.85
C LEU C 74 4.03 5.41 15.09
N ALA C 75 3.16 4.68 14.40
CA ALA C 75 3.57 3.47 13.70
C ALA C 75 4.36 3.84 12.44
N ASP C 76 4.10 5.02 11.90
CA ASP C 76 4.77 5.48 10.68
C ASP C 76 6.22 5.91 10.93
N GLN C 77 6.59 6.08 12.20
CA GLN C 77 7.96 6.43 12.58
C GLN C 77 8.81 5.25 13.12
N VAL C 78 8.31 4.03 12.96
CA VAL C 78 9.00 2.84 13.44
C VAL C 78 10.47 2.81 13.00
N LYS C 79 11.35 2.45 13.93
CA LYS C 79 12.79 2.35 13.66
C LYS C 79 13.45 1.21 14.41
N SER C 80 14.31 0.47 13.72
CA SER C 80 15.22 -0.45 14.39
C SER C 80 16.41 0.35 14.87
N LEU C 81 16.79 0.20 16.14
CA LEU C 81 17.89 0.97 16.71
C LEU C 81 18.72 0.11 17.66
N ASP C 82 19.91 0.59 18.00
CA ASP C 82 20.73 -0.07 19.00
C ASP C 82 20.30 0.50 20.34
N TRP C 83 19.69 -0.35 21.17
CA TRP C 83 19.07 0.14 22.40
C TRP C 83 20.11 0.45 23.47
N LYS C 84 21.21 -0.30 23.47
CA LYS C 84 22.29 -0.11 24.44
C LYS C 84 22.99 1.23 24.20
N ALA C 85 23.33 1.48 22.94
CA ALA C 85 24.02 2.70 22.55
C ALA C 85 23.19 3.94 22.88
N ARG C 86 21.87 3.75 22.96
CA ARG C 86 20.95 4.83 23.28
C ARG C 86 20.58 4.87 24.76
N ALA C 87 21.20 3.99 25.55
CA ALA C 87 20.94 3.90 26.99
C ALA C 87 19.45 3.64 27.26
N ALA C 88 18.89 2.68 26.54
CA ALA C 88 17.49 2.29 26.73
C ALA C 88 17.19 1.89 28.17
N ARG C 89 16.09 2.41 28.70
CA ARG C 89 15.61 2.00 30.02
C ARG C 89 14.09 1.87 29.99
N THR C 90 13.58 0.80 30.58
CA THR C 90 12.14 0.53 30.59
C THR C 90 11.44 1.21 31.77
N VAL C 91 10.58 2.18 31.48
CA VAL C 91 9.79 2.85 32.52
C VAL C 91 8.33 2.42 32.66
N ASP C 92 7.86 1.52 31.79
CA ASP C 92 6.43 1.25 31.66
C ASP C 92 6.20 0.16 30.63
N SER C 93 4.94 -0.24 30.45
CA SER C 93 4.58 -1.17 29.38
C SER C 93 3.13 -0.91 28.93
N VAL C 94 2.68 -1.63 27.91
CA VAL C 94 1.32 -1.44 27.40
C VAL C 94 0.59 -2.76 27.24
N SER C 95 -0.72 -2.70 27.06
CA SER C 95 -1.53 -3.88 26.85
C SER C 95 -1.12 -4.60 25.57
N GLY C 96 -1.40 -5.89 25.50
CA GLY C 96 -1.13 -6.69 24.32
C GLY C 96 -1.87 -6.20 23.08
N GLU C 97 -3.12 -5.82 23.25
CA GLU C 97 -3.94 -5.30 22.15
C GLU C 97 -3.31 -4.06 21.53
N THR C 98 -2.58 -3.31 22.34
CA THR C 98 -1.90 -2.11 21.88
C THR C 98 -0.75 -2.45 20.93
N VAL C 99 0.05 -3.43 21.32
CA VAL C 99 1.19 -3.84 20.49
C VAL C 99 0.71 -4.44 19.18
N THR C 100 -0.33 -5.26 19.29
CA THR C 100 -0.96 -5.88 18.12
C THR C 100 -1.46 -4.85 17.12
N THR C 101 -2.08 -3.79 17.62
CA THR C 101 -2.59 -2.72 16.77
C THR C 101 -1.46 -1.99 16.06
N VAL C 102 -0.40 -1.67 16.81
CA VAL C 102 0.77 -0.99 16.24
C VAL C 102 1.40 -1.85 15.17
N VAL C 103 1.66 -3.11 15.51
CA VAL C 103 2.25 -4.06 14.58
C VAL C 103 1.32 -4.29 13.37
N ASP C 104 0.02 -4.24 13.60
CA ASP C 104 -0.95 -4.36 12.53
C ASP C 104 -0.82 -3.21 11.54
N MET C 105 -0.58 -2.01 12.06
CA MET C 105 -0.43 -0.83 11.21
C MET C 105 0.89 -0.87 10.45
N VAL C 106 1.96 -1.30 11.12
CA VAL C 106 3.27 -1.39 10.49
C VAL C 106 3.26 -2.37 9.31
N SER C 107 2.64 -3.52 9.48
CA SER C 107 2.60 -4.50 8.40
C SER C 107 1.74 -4.03 7.23
N LYS C 108 0.69 -3.28 7.52
CA LYS C 108 -0.09 -2.65 6.46
C LYS C 108 0.76 -1.65 5.67
N ILE C 109 1.61 -0.93 6.38
CA ILE C 109 2.48 0.07 5.75
C ILE C 109 3.48 -0.58 4.80
N ILE C 110 4.09 -1.68 5.23
CA ILE C 110 5.14 -2.33 4.45
C ILE C 110 4.64 -3.49 3.59
N LYS C 111 3.34 -3.70 3.55
CA LYS C 111 2.78 -4.68 2.64
C LYS C 111 1.70 -4.07 1.75
N PRO D 4 -5.93 -17.72 -18.85
CA PRO D 4 -7.18 -17.33 -19.54
C PRO D 4 -7.10 -15.90 -20.05
N THR D 5 -6.78 -15.74 -21.33
CA THR D 5 -6.58 -14.42 -21.92
C THR D 5 -7.89 -13.63 -21.97
N LEU D 6 -7.76 -12.32 -22.11
CA LEU D 6 -8.93 -11.44 -22.26
C LEU D 6 -9.76 -11.85 -23.48
N GLU D 7 -9.10 -12.16 -24.59
CA GLU D 7 -9.78 -12.58 -25.82
C GLU D 7 -10.61 -13.84 -25.57
N GLU D 8 -9.99 -14.78 -24.87
CA GLU D 8 -10.63 -16.02 -24.45
C GLU D 8 -11.89 -15.73 -23.63
N LEU D 9 -11.80 -14.75 -22.73
CA LEU D 9 -12.91 -14.37 -21.89
C LEU D 9 -13.98 -13.65 -22.69
N LEU D 10 -13.57 -12.73 -23.55
CA LEU D 10 -14.51 -11.95 -24.34
C LEU D 10 -15.25 -12.85 -25.33
N GLY D 11 -14.59 -13.93 -25.73
CA GLY D 11 -15.18 -14.91 -26.64
C GLY D 11 -16.47 -15.52 -26.13
N GLN D 12 -16.64 -15.59 -24.81
CA GLN D 12 -17.82 -16.19 -24.20
C GLN D 12 -18.88 -15.15 -23.84
N CYS D 13 -18.61 -13.89 -24.18
CA CYS D 13 -19.56 -12.81 -23.92
C CYS D 13 -20.59 -12.68 -25.01
N THR D 14 -21.84 -12.55 -24.58
CA THR D 14 -22.98 -12.61 -25.48
C THR D 14 -23.91 -11.44 -25.16
N ALA D 15 -24.63 -10.92 -26.15
CA ALA D 15 -25.57 -9.82 -25.92
C ALA D 15 -26.65 -10.21 -24.90
N GLU D 16 -26.95 -11.50 -24.87
CA GLU D 16 -27.87 -12.10 -23.90
C GLU D 16 -27.18 -12.36 -22.54
N ASN D 17 -25.87 -12.60 -22.59
CA ASN D 17 -25.06 -12.97 -21.43
C ASN D 17 -24.91 -11.88 -20.38
N ARG D 18 -24.96 -10.64 -20.86
CA ARG D 18 -24.57 -9.48 -20.08
C ARG D 18 -25.38 -9.26 -18.82
N HIS D 19 -24.71 -8.64 -17.85
CA HIS D 19 -25.37 -8.07 -16.68
C HIS D 19 -25.50 -6.57 -16.88
N HIS D 20 -26.59 -5.99 -16.37
CA HIS D 20 -26.74 -4.55 -16.31
C HIS D 20 -25.74 -3.96 -15.30
N GLU D 21 -25.49 -2.66 -15.38
CA GLU D 21 -24.57 -1.99 -14.46
C GLU D 21 -25.15 -1.93 -13.05
N TYR D 22 -24.43 -2.45 -12.06
CA TYR D 22 -25.03 -2.71 -10.77
C TYR D 22 -25.17 -1.49 -9.86
N LEU D 23 -24.08 -0.96 -9.32
CA LEU D 23 -24.27 0.23 -8.51
C LEU D 23 -23.90 1.41 -9.39
N CYS D 24 -24.92 1.98 -10.01
CA CYS D 24 -24.69 2.91 -11.11
C CYS D 24 -24.78 4.36 -10.67
N ASP D 25 -25.10 4.56 -9.40
CA ASP D 25 -25.28 5.89 -8.85
C ASP D 25 -23.95 6.53 -8.44
N SER D 26 -24.01 7.78 -8.00
CA SER D 26 -22.84 8.50 -7.51
C SER D 26 -23.12 9.08 -6.14
N GLN D 27 -22.23 8.83 -5.19
CA GLN D 27 -22.36 9.37 -3.84
C GLN D 27 -21.02 9.89 -3.31
N GLY D 28 -21.09 10.82 -2.37
CA GLY D 28 -19.92 11.35 -1.71
C GLY D 28 -18.97 12.05 -2.66
N LYS D 29 -17.69 11.68 -2.59
CA LYS D 29 -16.64 12.29 -3.40
C LYS D 29 -16.53 11.69 -4.80
N GLU D 30 -17.40 10.74 -5.13
CA GLU D 30 -17.34 10.08 -6.43
C GLU D 30 -17.73 11.04 -7.55
N MET D 31 -16.82 11.22 -8.50
CA MET D 31 -17.05 12.15 -9.60
C MET D 31 -17.86 11.53 -10.75
N LEU D 32 -17.87 10.20 -10.82
CA LEU D 32 -18.53 9.49 -11.91
C LEU D 32 -19.78 8.76 -11.46
N THR E 3 -13.14 3.54 13.96
CA THR E 3 -12.03 2.62 13.70
C THR E 3 -12.31 1.71 12.51
N TYR E 4 -13.58 1.55 12.13
CA TYR E 4 -13.91 0.65 11.02
C TYR E 4 -13.26 1.10 9.73
N CYS E 5 -12.62 0.15 9.06
CA CYS E 5 -12.14 0.35 7.71
C CYS E 5 -12.37 -0.92 6.91
N PRO E 6 -12.79 -0.79 5.65
CA PRO E 6 -12.92 -1.97 4.79
C PRO E 6 -11.55 -2.60 4.52
N ALA E 7 -11.51 -3.92 4.55
CA ALA E 7 -10.28 -4.65 4.30
C ALA E 7 -10.38 -5.38 2.97
N ARG E 8 -9.23 -5.59 2.33
CA ARG E 8 -9.18 -6.30 1.07
C ARG E 8 -9.74 -7.70 1.28
N GLY E 9 -10.62 -8.12 0.37
CA GLY E 9 -11.25 -9.41 0.50
C GLY E 9 -12.48 -9.40 1.39
N ASP E 10 -12.86 -8.25 1.91
CA ASP E 10 -14.11 -8.13 2.66
C ASP E 10 -15.30 -8.14 1.73
N VAL E 11 -16.37 -8.80 2.18
CA VAL E 11 -17.69 -8.58 1.60
C VAL E 11 -18.37 -7.46 2.38
N ILE E 12 -18.64 -6.35 1.72
CA ILE E 12 -19.29 -5.23 2.39
C ILE E 12 -20.70 -4.99 1.86
N LEU E 13 -21.53 -4.36 2.69
CA LEU E 13 -22.83 -3.86 2.24
C LEU E 13 -22.75 -2.34 2.09
N LEU E 14 -23.12 -1.82 0.92
CA LEU E 14 -23.06 -0.39 0.65
C LEU E 14 -24.43 0.20 0.31
N ASP E 15 -24.56 1.50 0.54
CA ASP E 15 -25.77 2.24 0.24
C ASP E 15 -26.09 2.47 -1.22
N PHE E 16 -27.36 2.21 -1.54
CA PHE E 16 -28.22 3.13 -2.29
C PHE E 16 -29.66 2.72 -2.07
N GLY E 26 -31.64 0.50 -1.02
CA GLY E 26 -31.09 0.02 0.24
C GLY E 26 -29.66 -0.45 0.13
N LYS E 27 -29.28 -1.41 0.97
CA LYS E 27 -27.91 -1.93 1.02
C LYS E 27 -27.70 -3.03 -0.02
N ARG E 28 -26.51 -3.08 -0.58
CA ARG E 28 -26.14 -4.06 -1.57
C ARG E 28 -24.69 -4.56 -1.42
N PRO E 29 -24.47 -5.85 -1.68
CA PRO E 29 -23.18 -6.52 -1.44
C PRO E 29 -22.11 -6.24 -2.49
N ALA E 30 -20.85 -6.19 -2.05
CA ALA E 30 -19.71 -6.02 -2.96
C ALA E 30 -18.44 -6.58 -2.35
N LEU E 31 -17.48 -6.91 -3.20
CA LEU E 31 -16.19 -7.40 -2.73
C LEU E 31 -15.14 -6.31 -2.82
N VAL E 32 -14.40 -6.10 -1.73
CA VAL E 32 -13.32 -5.11 -1.74
C VAL E 32 -12.03 -5.75 -2.25
N VAL E 33 -11.53 -5.24 -3.37
CA VAL E 33 -10.24 -5.70 -3.90
C VAL E 33 -9.07 -4.73 -3.66
N SER E 34 -9.33 -3.54 -3.11
CA SER E 34 -8.26 -2.57 -2.87
C SER E 34 -7.63 -2.76 -1.49
N ASP E 35 -6.33 -2.53 -1.38
CA ASP E 35 -5.59 -2.81 -0.15
C ASP E 35 -6.03 -1.93 1.03
N ASP E 36 -5.82 -2.42 2.25
CA ASP E 36 -6.35 -1.79 3.45
C ASP E 36 -5.89 -0.34 3.64
N LEU E 37 -4.64 -0.06 3.30
CA LEU E 37 -4.06 1.26 3.52
C LEU E 37 -4.70 2.29 2.59
N PHE E 38 -4.89 1.90 1.33
CA PHE E 38 -5.62 2.72 0.37
C PHE E 38 -7.02 3.06 0.90
N ASN E 39 -7.73 2.06 1.36
CA ASN E 39 -9.08 2.25 1.88
C ASN E 39 -9.09 3.23 3.06
N GLN E 40 -8.13 3.06 3.96
CA GLN E 40 -8.01 3.93 5.13
C GLN E 40 -7.67 5.37 4.74
N VAL E 41 -6.67 5.54 3.90
CA VAL E 41 -6.16 6.88 3.61
C VAL E 41 -7.04 7.66 2.64
N THR E 42 -7.53 7.01 1.58
CA THR E 42 -8.32 7.74 0.58
C THR E 42 -9.79 7.94 0.94
N GLY E 43 -10.38 6.98 1.66
CA GLY E 43 -11.81 7.00 1.91
C GLY E 43 -12.55 6.36 0.76
N PHE E 44 -11.78 5.81 -0.18
CA PHE E 44 -12.32 5.10 -1.32
C PHE E 44 -12.06 3.60 -1.14
N ALA E 45 -12.94 2.78 -1.69
CA ALA E 45 -12.71 1.35 -1.74
C ALA E 45 -13.03 0.86 -3.14
N VAL E 46 -12.09 0.15 -3.76
CA VAL E 46 -12.33 -0.37 -5.09
C VAL E 46 -13.05 -1.71 -4.91
N VAL E 47 -14.29 -1.77 -5.40
CA VAL E 47 -15.11 -2.95 -5.19
C VAL E 47 -15.69 -3.51 -6.49
N CYS E 48 -15.94 -4.81 -6.47
CA CYS E 48 -16.68 -5.49 -7.52
C CYS E 48 -18.00 -5.99 -6.96
N PRO E 49 -19.12 -5.58 -7.58
CA PRO E 49 -20.47 -5.94 -7.14
C PRO E 49 -20.70 -7.44 -7.05
N ILE E 50 -21.51 -7.85 -6.07
CA ILE E 50 -21.89 -9.25 -5.89
C ILE E 50 -23.36 -9.45 -6.23
N THR E 51 -23.67 -10.52 -6.95
CA THR E 51 -25.04 -10.77 -7.37
C THR E 51 -25.40 -12.25 -7.28
N ASN E 52 -26.70 -12.51 -7.12
CA ASN E 52 -27.20 -13.87 -7.10
C ASN E 52 -27.71 -14.28 -8.48
N GLN E 53 -27.57 -13.39 -9.46
CA GLN E 53 -28.01 -13.72 -10.81
C GLN E 53 -26.83 -14.34 -11.56
N ILE E 54 -26.88 -15.65 -11.75
CA ILE E 54 -25.75 -16.37 -12.32
C ILE E 54 -26.09 -16.82 -13.73
N LYS E 55 -25.50 -16.16 -14.73
CA LYS E 55 -25.78 -16.46 -16.14
C LYS E 55 -24.72 -17.24 -16.92
N GLY E 56 -23.57 -17.49 -16.33
CA GLY E 56 -22.45 -18.01 -17.10
C GLY E 56 -21.65 -16.94 -17.82
N TYR E 57 -21.92 -15.68 -17.51
CA TYR E 57 -21.09 -14.58 -17.99
C TYR E 57 -19.65 -14.82 -17.53
N PRO E 58 -18.69 -14.82 -18.47
CA PRO E 58 -17.30 -15.23 -18.21
C PRO E 58 -16.59 -14.41 -17.14
N PHE E 59 -17.10 -13.21 -16.84
CA PHE E 59 -16.48 -12.38 -15.82
C PHE E 59 -17.13 -12.60 -14.45
N GLU E 60 -18.06 -13.54 -14.37
CA GLU E 60 -18.58 -13.97 -13.09
C GLU E 60 -17.54 -14.82 -12.38
N VAL E 61 -17.22 -14.45 -11.14
CA VAL E 61 -16.35 -15.25 -10.29
C VAL E 61 -17.13 -15.71 -9.07
N PRO E 62 -17.28 -17.03 -8.92
CA PRO E 62 -18.01 -17.60 -7.77
C PRO E 62 -17.46 -17.11 -6.45
N VAL E 63 -18.36 -16.68 -5.57
CA VAL E 63 -18.02 -16.38 -4.19
C VAL E 63 -17.53 -17.66 -3.54
N ASP E 64 -16.39 -17.60 -2.85
CA ASP E 64 -15.84 -18.80 -2.25
C ASP E 64 -15.06 -18.52 -0.97
N GLY E 65 -15.18 -19.43 -0.01
CA GLY E 65 -14.48 -19.29 1.25
C GLY E 65 -15.24 -18.43 2.21
N THR E 66 -16.53 -18.22 1.95
CA THR E 66 -17.33 -17.41 2.85
C THR E 66 -18.08 -18.28 3.85
N THR E 67 -18.61 -17.64 4.89
CA THR E 67 -19.50 -18.30 5.85
C THR E 67 -20.97 -18.22 5.45
N LYS E 68 -21.36 -17.05 4.97
CA LYS E 68 -22.76 -16.71 4.71
C LYS E 68 -23.01 -16.39 3.24
N THR E 69 -22.33 -15.38 2.73
CA THR E 69 -22.58 -14.85 1.40
C THR E 69 -22.48 -15.88 0.26
N THR E 70 -23.30 -15.68 -0.77
CA THR E 70 -23.48 -16.63 -1.87
C THR E 70 -23.54 -15.83 -3.19
N GLY E 71 -23.40 -16.50 -4.33
CA GLY E 71 -23.47 -15.83 -5.62
C GLY E 71 -22.14 -15.58 -6.30
N VAL E 72 -22.11 -14.63 -7.23
CA VAL E 72 -20.91 -14.38 -8.00
C VAL E 72 -20.46 -12.92 -7.94
N ILE E 73 -19.17 -12.74 -8.16
CA ILE E 73 -18.56 -11.42 -8.21
C ILE E 73 -18.43 -11.01 -9.66
N LEU E 74 -18.86 -9.79 -9.99
CA LEU E 74 -18.78 -9.37 -11.37
C LEU E 74 -17.53 -8.52 -11.52
N ALA E 75 -16.52 -9.13 -12.13
CA ALA E 75 -15.17 -8.60 -12.10
C ALA E 75 -15.02 -7.40 -13.04
N ASP E 76 -15.80 -7.38 -14.10
CA ASP E 76 -15.68 -6.34 -15.13
C ASP E 76 -16.40 -5.06 -14.75
N GLN E 77 -17.16 -5.11 -13.65
CA GLN E 77 -17.92 -3.99 -13.13
C GLN E 77 -17.18 -3.24 -12.01
N VAL E 78 -15.89 -3.51 -11.89
CA VAL E 78 -15.06 -2.93 -10.83
C VAL E 78 -15.26 -1.40 -10.69
N LYS E 79 -15.43 -0.93 -9.46
CA LYS E 79 -15.74 0.47 -9.18
C LYS E 79 -15.07 0.97 -7.91
N SER E 80 -14.44 2.13 -7.98
CA SER E 80 -13.97 2.80 -6.78
C SER E 80 -15.09 3.63 -6.18
N LEU E 81 -15.49 3.28 -4.96
CA LEU E 81 -16.65 3.91 -4.34
C LEU E 81 -16.30 4.59 -3.01
N ASP E 82 -17.11 5.57 -2.62
CA ASP E 82 -16.86 6.31 -1.39
C ASP E 82 -17.58 5.53 -0.31
N TRP E 83 -16.82 4.84 0.53
CA TRP E 83 -17.41 3.86 1.43
C TRP E 83 -17.90 4.49 2.73
N LYS E 84 -17.49 5.71 3.01
CA LYS E 84 -18.03 6.44 4.17
C LYS E 84 -19.38 7.05 3.85
N ALA E 85 -19.51 7.62 2.66
CA ALA E 85 -20.77 8.20 2.22
C ALA E 85 -21.81 7.11 1.99
N ARG E 86 -21.33 5.93 1.60
CA ARG E 86 -22.23 4.83 1.34
C ARG E 86 -22.43 3.97 2.59
N ALA E 87 -21.83 4.41 3.70
CA ALA E 87 -21.99 3.75 4.99
C ALA E 87 -21.67 2.27 4.91
N ALA E 88 -20.51 1.95 4.35
CA ALA E 88 -20.09 0.57 4.15
C ALA E 88 -19.93 -0.17 5.46
N ARG E 89 -20.14 -1.47 5.42
CA ARG E 89 -19.90 -2.31 6.57
C ARG E 89 -19.50 -3.69 6.11
N THR E 90 -18.57 -4.33 6.81
CA THR E 90 -18.10 -5.65 6.44
C THR E 90 -18.93 -6.74 7.10
N VAL E 91 -19.67 -7.50 6.30
CA VAL E 91 -20.48 -8.62 6.80
C VAL E 91 -19.86 -10.00 6.61
N ASP E 92 -18.75 -10.07 5.88
CA ASP E 92 -18.18 -11.36 5.47
C ASP E 92 -16.81 -11.14 4.80
N SER E 93 -16.21 -12.23 4.32
CA SER E 93 -14.98 -12.13 3.53
C SER E 93 -14.84 -13.36 2.62
N VAL E 94 -14.02 -13.26 1.57
CA VAL E 94 -13.80 -14.40 0.68
C VAL E 94 -12.38 -14.90 0.82
N SER E 95 -12.06 -15.99 0.13
CA SER E 95 -10.72 -16.56 0.16
C SER E 95 -9.76 -15.70 -0.65
N GLY E 96 -8.46 -15.84 -0.37
CA GLY E 96 -7.45 -15.12 -1.12
C GLY E 96 -7.51 -15.48 -2.59
N GLU E 97 -7.79 -16.74 -2.88
CA GLU E 97 -7.86 -17.24 -4.25
C GLU E 97 -8.95 -16.52 -5.06
N THR E 98 -10.09 -16.30 -4.43
CA THR E 98 -11.19 -15.58 -5.04
C THR E 98 -10.79 -14.15 -5.39
N VAL E 99 -10.07 -13.50 -4.48
CA VAL E 99 -9.63 -12.13 -4.69
C VAL E 99 -8.62 -12.05 -5.82
N THR E 100 -7.70 -12.99 -5.84
CA THR E 100 -6.67 -13.05 -6.88
C THR E 100 -7.30 -13.27 -8.26
N THR E 101 -8.39 -14.03 -8.31
CA THR E 101 -9.06 -14.32 -9.57
C THR E 101 -9.77 -13.08 -10.13
N VAL E 102 -10.47 -12.37 -9.26
CA VAL E 102 -11.13 -11.12 -9.63
C VAL E 102 -10.13 -10.07 -10.08
N VAL E 103 -9.09 -9.87 -9.30
CA VAL E 103 -8.04 -8.91 -9.59
C VAL E 103 -7.27 -9.27 -10.87
N ASP E 104 -7.01 -10.55 -11.09
CA ASP E 104 -6.39 -11.00 -12.32
C ASP E 104 -7.26 -10.63 -13.54
N MET E 105 -8.57 -10.76 -13.37
CA MET E 105 -9.48 -10.40 -14.44
C MET E 105 -9.47 -8.89 -14.70
N VAL E 106 -9.42 -8.10 -13.63
CA VAL E 106 -9.40 -6.64 -13.77
C VAL E 106 -8.15 -6.18 -14.52
N SER E 107 -7.00 -6.73 -14.16
CA SER E 107 -5.74 -6.29 -14.76
C SER E 107 -5.66 -6.66 -16.24
N LYS E 108 -6.35 -7.72 -16.65
CA LYS E 108 -6.40 -8.10 -18.05
C LYS E 108 -7.24 -7.10 -18.85
N ILE E 109 -8.36 -6.69 -18.25
CA ILE E 109 -9.26 -5.70 -18.85
C ILE E 109 -8.53 -4.38 -19.12
N ILE E 110 -7.77 -3.91 -18.12
CA ILE E 110 -7.11 -2.61 -18.23
C ILE E 110 -5.67 -2.68 -18.77
N LYS E 111 -5.22 -3.86 -19.16
CA LYS E 111 -3.93 -3.95 -19.85
C LYS E 111 -4.06 -4.68 -21.18
N THR F 3 -19.93 1.95 -36.29
CA THR F 3 -20.40 2.18 -34.93
C THR F 3 -19.31 2.80 -34.07
N TYR F 4 -19.65 3.86 -33.34
CA TYR F 4 -18.71 4.43 -32.39
C TYR F 4 -18.46 3.45 -31.24
N CYS F 5 -17.20 3.33 -30.83
CA CYS F 5 -16.88 2.66 -29.59
C CYS F 5 -15.69 3.35 -28.92
N PRO F 6 -15.73 3.46 -27.58
CA PRO F 6 -14.60 4.10 -26.88
C PRO F 6 -13.33 3.27 -27.01
N ALA F 7 -12.18 3.94 -27.09
CA ALA F 7 -10.91 3.25 -27.25
C ALA F 7 -10.00 3.52 -26.06
N ARG F 8 -9.09 2.59 -25.79
CA ARG F 8 -8.12 2.79 -24.74
C ARG F 8 -7.28 4.04 -25.05
N GLY F 9 -7.20 4.96 -24.10
CA GLY F 9 -6.50 6.20 -24.33
C GLY F 9 -7.41 7.38 -24.64
N ASP F 10 -8.65 7.09 -25.05
CA ASP F 10 -9.64 8.12 -25.34
C ASP F 10 -9.97 8.98 -24.13
N VAL F 11 -10.11 10.28 -24.35
CA VAL F 11 -10.77 11.14 -23.38
C VAL F 11 -12.23 11.26 -23.78
N ILE F 12 -13.14 10.76 -22.94
CA ILE F 12 -14.54 10.77 -23.32
C ILE F 12 -15.39 11.66 -22.42
N LEU F 13 -16.52 12.11 -22.96
CA LEU F 13 -17.51 12.86 -22.17
C LEU F 13 -18.67 11.97 -21.80
N LEU F 14 -19.10 12.02 -20.55
CA LEU F 14 -20.16 11.15 -20.05
C LEU F 14 -21.36 11.95 -19.56
N ASP F 15 -22.54 11.33 -19.62
CA ASP F 15 -23.84 11.95 -19.32
C ASP F 15 -24.23 12.94 -20.41
N LYS F 27 -21.62 17.40 -18.17
CA LYS F 27 -20.88 16.25 -18.66
C LYS F 27 -19.48 16.19 -18.06
N ARG F 28 -19.03 14.98 -17.77
CA ARG F 28 -17.75 14.77 -17.12
C ARG F 28 -16.74 14.07 -18.01
N PRO F 29 -15.59 14.68 -18.18
CA PRO F 29 -14.54 14.07 -19.02
C PRO F 29 -13.83 12.93 -18.28
N ALA F 30 -13.48 11.87 -19.00
CA ALA F 30 -12.86 10.71 -18.37
C ALA F 30 -11.90 9.99 -19.32
N LEU F 31 -10.86 9.39 -18.75
CA LEU F 31 -9.88 8.62 -19.50
C LEU F 31 -10.21 7.13 -19.52
N VAL F 32 -10.37 6.56 -20.71
CA VAL F 32 -10.64 5.13 -20.87
C VAL F 32 -9.36 4.31 -20.76
N VAL F 33 -9.26 3.48 -19.73
CA VAL F 33 -8.09 2.61 -19.58
C VAL F 33 -8.34 1.14 -19.94
N SER F 34 -9.58 0.81 -20.25
CA SER F 34 -9.94 -0.57 -20.60
C SER F 34 -9.69 -0.85 -22.08
N ASP F 35 -9.35 -2.10 -22.38
CA ASP F 35 -9.08 -2.57 -23.73
C ASP F 35 -10.22 -2.25 -24.69
N ASP F 36 -9.86 -1.88 -25.93
CA ASP F 36 -10.84 -1.58 -26.98
C ASP F 36 -11.90 -2.66 -27.17
N LEU F 37 -11.46 -3.90 -27.30
CA LEU F 37 -12.36 -4.99 -27.61
C LEU F 37 -13.30 -5.23 -26.43
N PHE F 38 -12.77 -5.11 -25.23
CA PHE F 38 -13.57 -5.17 -24.01
C PHE F 38 -14.70 -4.15 -24.07
N ASN F 39 -14.35 -2.90 -24.39
CA ASN F 39 -15.31 -1.81 -24.46
C ASN F 39 -16.45 -2.13 -25.42
N GLN F 40 -16.10 -2.72 -26.56
CA GLN F 40 -17.08 -3.04 -27.60
C GLN F 40 -17.95 -4.23 -27.18
N VAL F 41 -17.29 -5.28 -26.70
CA VAL F 41 -17.96 -6.53 -26.40
C VAL F 41 -18.86 -6.46 -25.17
N THR F 42 -18.34 -5.95 -24.05
CA THR F 42 -19.12 -5.89 -22.80
C THR F 42 -20.09 -4.72 -22.73
N GLY F 43 -19.76 -3.62 -23.39
CA GLY F 43 -20.57 -2.42 -23.28
C GLY F 43 -20.17 -1.58 -22.06
N PHE F 44 -19.17 -2.06 -21.34
CA PHE F 44 -18.59 -1.29 -20.24
C PHE F 44 -17.24 -0.73 -20.65
N ALA F 45 -16.92 0.44 -20.13
CA ALA F 45 -15.59 0.99 -20.26
C ALA F 45 -15.08 1.32 -18.87
N VAL F 46 -13.83 0.97 -18.60
CA VAL F 46 -13.20 1.30 -17.32
C VAL F 46 -12.51 2.65 -17.47
N VAL F 47 -13.00 3.65 -16.74
CA VAL F 47 -12.52 5.01 -16.93
C VAL F 47 -12.13 5.67 -15.60
N CYS F 48 -11.29 6.70 -15.69
CA CYS F 48 -11.00 7.55 -14.54
C CYS F 48 -11.34 8.99 -14.89
N PRO F 49 -11.97 9.71 -13.96
CA PRO F 49 -12.41 11.08 -14.22
C PRO F 49 -11.24 12.03 -14.36
N ILE F 50 -11.41 13.06 -15.17
CA ILE F 50 -10.40 14.09 -15.36
C ILE F 50 -10.92 15.39 -14.78
N THR F 51 -10.06 16.14 -14.08
CA THR F 51 -10.48 17.42 -13.52
C THR F 51 -9.47 18.51 -13.81
N ASN F 52 -9.94 19.74 -13.95
CA ASN F 52 -9.06 20.87 -14.19
C ASN F 52 -8.45 21.42 -12.89
N GLN F 53 -8.83 20.82 -11.76
CA GLN F 53 -8.30 21.22 -10.45
C GLN F 53 -7.10 20.36 -10.06
N ILE F 54 -5.92 20.96 -10.05
CA ILE F 54 -4.73 20.21 -9.64
C ILE F 54 -4.36 20.59 -8.21
N LYS F 55 -4.63 19.66 -7.28
CA LYS F 55 -4.38 19.90 -5.87
C LYS F 55 -3.11 19.25 -5.31
N GLY F 56 -2.43 18.46 -6.13
CA GLY F 56 -1.29 17.70 -5.66
C GLY F 56 -1.64 16.51 -4.78
N TYR F 57 -2.91 16.11 -4.78
CA TYR F 57 -3.34 14.88 -4.12
C TYR F 57 -2.59 13.69 -4.72
N PRO F 58 -2.30 12.66 -3.91
CA PRO F 58 -1.45 11.51 -4.30
C PRO F 58 -1.73 10.81 -5.64
N PHE F 59 -2.98 10.57 -6.00
CA PHE F 59 -3.27 9.76 -7.19
C PHE F 59 -3.53 10.53 -8.49
N GLU F 60 -3.31 11.84 -8.46
CA GLU F 60 -3.42 12.67 -9.66
C GLU F 60 -2.38 12.32 -10.72
N VAL F 61 -2.84 12.05 -11.93
CA VAL F 61 -1.95 11.86 -13.07
C VAL F 61 -2.17 12.97 -14.10
N PRO F 62 -1.14 13.78 -14.36
CA PRO F 62 -1.28 14.90 -15.31
C PRO F 62 -1.55 14.40 -16.71
N VAL F 63 -2.52 15.01 -17.37
CA VAL F 63 -2.83 14.65 -18.75
C VAL F 63 -1.64 15.02 -19.64
N ASP F 64 -1.39 14.25 -20.69
CA ASP F 64 -0.27 14.55 -21.57
C ASP F 64 -0.49 14.03 -22.99
N GLY F 65 0.09 14.73 -23.96
CA GLY F 65 -0.02 14.33 -25.35
C GLY F 65 -1.39 14.58 -25.95
N THR F 66 -2.15 15.49 -25.37
CA THR F 66 -3.51 15.73 -25.85
C THR F 66 -3.59 16.88 -26.84
N THR F 67 -4.78 17.08 -27.39
CA THR F 67 -5.00 18.19 -28.28
C THR F 67 -5.61 19.37 -27.51
N LYS F 68 -6.83 19.18 -27.00
CA LYS F 68 -7.53 20.19 -26.20
C LYS F 68 -7.60 20.01 -24.68
N THR F 69 -7.04 18.93 -24.13
CA THR F 69 -7.34 18.59 -22.74
C THR F 69 -6.24 18.93 -21.74
N THR F 70 -6.65 19.47 -20.60
CA THR F 70 -5.73 19.85 -19.53
C THR F 70 -6.23 19.29 -18.19
N GLY F 71 -5.38 19.36 -17.17
CA GLY F 71 -5.73 18.87 -15.85
C GLY F 71 -5.14 17.52 -15.52
N VAL F 72 -5.73 16.85 -14.53
CA VAL F 72 -5.21 15.57 -14.07
C VAL F 72 -6.27 14.46 -14.05
N ILE F 73 -5.81 13.24 -14.23
CA ILE F 73 -6.65 12.06 -14.10
C ILE F 73 -6.63 11.59 -12.65
N LEU F 74 -7.77 11.23 -12.10
CA LEU F 74 -7.77 10.73 -10.73
C LEU F 74 -7.81 9.21 -10.78
N ALA F 75 -6.69 8.59 -10.48
CA ALA F 75 -6.54 7.15 -10.70
C ALA F 75 -7.27 6.35 -9.64
N ASP F 76 -7.40 6.95 -8.46
CA ASP F 76 -8.10 6.31 -7.34
C ASP F 76 -9.61 6.34 -7.50
N GLN F 77 -10.12 7.08 -8.48
CA GLN F 77 -11.55 7.20 -8.74
C GLN F 77 -12.08 6.28 -9.86
N VAL F 78 -11.24 5.35 -10.31
CA VAL F 78 -11.57 4.46 -11.41
C VAL F 78 -12.95 3.77 -11.26
N LYS F 79 -13.69 3.71 -12.37
CA LYS F 79 -14.99 3.05 -12.38
C LYS F 79 -15.24 2.34 -13.71
N SER F 80 -15.80 1.14 -13.65
CA SER F 80 -16.37 0.52 -14.83
C SER F 80 -17.81 1.02 -15.00
N LEU F 81 -18.17 1.46 -16.21
CA LEU F 81 -19.48 2.08 -16.47
C LEU F 81 -20.11 1.60 -17.78
N ASP F 82 -21.43 1.66 -17.87
CA ASP F 82 -22.09 1.45 -19.15
C ASP F 82 -21.92 2.74 -19.95
N TRP F 83 -21.18 2.67 -21.05
CA TRP F 83 -20.76 3.91 -21.72
C TRP F 83 -21.82 4.48 -22.68
N LYS F 84 -22.61 3.63 -23.31
CA LYS F 84 -23.62 4.18 -24.21
C LYS F 84 -24.85 4.67 -23.43
N ALA F 85 -25.10 4.06 -22.28
CA ALA F 85 -26.18 4.51 -21.41
C ALA F 85 -25.92 5.94 -20.93
N ARG F 86 -24.65 6.30 -20.84
CA ARG F 86 -24.27 7.67 -20.45
C ARG F 86 -23.94 8.56 -21.65
N ALA F 87 -24.17 8.04 -22.85
CA ALA F 87 -24.03 8.81 -24.09
C ALA F 87 -22.59 9.28 -24.30
N ALA F 88 -21.64 8.38 -24.08
CA ALA F 88 -20.24 8.72 -24.21
C ALA F 88 -19.85 9.08 -25.64
N ARG F 89 -18.96 10.05 -25.78
CA ARG F 89 -18.34 10.36 -27.06
C ARG F 89 -16.89 10.76 -26.82
N THR F 90 -16.03 10.52 -27.79
CA THR F 90 -14.60 10.80 -27.65
C THR F 90 -14.27 12.21 -28.13
N VAL F 91 -13.84 13.07 -27.22
CA VAL F 91 -13.41 14.42 -27.62
C VAL F 91 -11.90 14.62 -27.70
N ASP F 92 -11.13 13.62 -27.28
CA ASP F 92 -9.67 13.75 -27.25
C ASP F 92 -9.03 12.41 -26.93
N SER F 93 -7.70 12.40 -26.83
CA SER F 93 -6.99 11.21 -26.38
C SER F 93 -5.66 11.61 -25.77
N VAL F 94 -5.05 10.68 -25.05
CA VAL F 94 -3.80 10.95 -24.34
C VAL F 94 -2.70 9.99 -24.79
N SER F 95 -1.47 10.33 -24.45
CA SER F 95 -0.33 9.48 -24.79
C SER F 95 -0.41 8.12 -24.11
N GLY F 96 0.22 7.11 -24.72
CA GLY F 96 0.25 5.78 -24.15
C GLY F 96 0.86 5.77 -22.77
N GLU F 97 1.93 6.55 -22.59
CA GLU F 97 2.62 6.64 -21.31
C GLU F 97 1.72 7.17 -20.20
N THR F 98 0.80 8.06 -20.55
CA THR F 98 -0.19 8.55 -19.59
C THR F 98 -1.10 7.42 -19.10
N VAL F 99 -1.58 6.60 -20.04
CA VAL F 99 -2.45 5.48 -19.72
C VAL F 99 -1.68 4.46 -18.88
N THR F 100 -0.41 4.26 -19.21
CA THR F 100 0.45 3.35 -18.48
C THR F 100 0.61 3.77 -17.01
N THR F 101 0.81 5.06 -16.78
CA THR F 101 0.95 5.60 -15.42
C THR F 101 -0.32 5.39 -14.62
N VAL F 102 -1.47 5.64 -15.25
CA VAL F 102 -2.77 5.45 -14.60
C VAL F 102 -3.04 3.97 -14.28
N VAL F 103 -2.79 3.11 -15.26
CA VAL F 103 -3.05 1.69 -15.10
C VAL F 103 -2.13 1.08 -14.03
N ASP F 104 -0.86 1.46 -14.03
CA ASP F 104 0.08 0.96 -13.01
C ASP F 104 -0.36 1.38 -11.61
N MET F 105 -0.93 2.57 -11.49
CA MET F 105 -1.45 3.02 -10.19
C MET F 105 -2.62 2.16 -9.75
N VAL F 106 -3.55 1.92 -10.67
CA VAL F 106 -4.72 1.11 -10.39
C VAL F 106 -4.33 -0.33 -10.02
N SER F 107 -3.36 -0.88 -10.74
CA SER F 107 -2.92 -2.23 -10.47
C SER F 107 -2.26 -2.29 -9.10
N LYS F 108 -1.54 -1.24 -8.72
CA LYS F 108 -0.91 -1.19 -7.41
C LYS F 108 -1.95 -1.12 -6.29
N ILE F 109 -3.03 -0.38 -6.54
CA ILE F 109 -4.11 -0.25 -5.58
C ILE F 109 -4.74 -1.60 -5.23
N ILE F 110 -5.02 -2.39 -6.26
CA ILE F 110 -5.78 -3.63 -6.09
C ILE F 110 -4.93 -4.91 -6.00
N LYS F 111 -3.61 -4.81 -6.06
CA LYS F 111 -2.79 -6.00 -5.86
C LYS F 111 -1.78 -5.78 -4.73
#